data_8V09
#
_entry.id   8V09
#
_cell.length_a   46.647
_cell.length_b   59.467
_cell.length_c   114.374
_cell.angle_alpha   90.00
_cell.angle_beta   90.00
_cell.angle_gamma   90.00
#
_symmetry.space_group_name_H-M   'P 2 21 21'
#
loop_
_entity.id
_entity.type
_entity.pdbx_description
1 polymer 'Triosephosphate isomerase'
2 non-polymer 'SODIUM ION'
3 non-polymer 'ACETIC ACID'
4 non-polymer 'FORMIC ACID'
5 non-polymer 'PHOSPHOGLYCOLOHYDROXAMIC ACID'
6 water water
#
_entity_poly.entity_id   1
_entity_poly.type   'polypeptide(L)'
_entity_poly.pdbx_seq_one_letter_code
;MGSSHHHHHHSSGLVPRGSHMARKFFVGGNWKMNGSKASIKSLVETLNASKLDNKTEVVVAPPAIYLPQVRQALRKDIQV
AAQNCYTKASGAFTGEISPEMLKDLGIPWVILGHSERRHIFGESDEFVAEKVKYALDQGLKVIACIGETLEEREAGKTME
VCARQLKAIAKKISESDWSNVVIAYEPVWAIGTGKVATPEQAQEVHAAIRKWLAENVSAEVAESTRIIYGGSVNGGNCAE
LAKQPDIDGFLVGGASLKPEFVDIINARKQ
;
_entity_poly.pdbx_strand_id   A
#
loop_
_chem_comp.id
_chem_comp.type
_chem_comp.name
_chem_comp.formula
ACY non-polymer 'ACETIC ACID' 'C2 H4 O2'
FMT non-polymer 'FORMIC ACID' 'C H2 O2'
NA non-polymer 'SODIUM ION' 'Na 1'
PGH non-polymer 'PHOSPHOGLYCOLOHYDROXAMIC ACID' 'C2 H6 N O6 P'
#
# COMPACT_ATOMS: atom_id res chain seq x y z
N ALA A 22 -9.77 0.87 -17.80
CA ALA A 22 -8.42 0.40 -17.37
C ALA A 22 -8.16 0.79 -15.92
N ARG A 23 -7.30 0.04 -15.25
CA ARG A 23 -6.94 0.25 -13.82
C ARG A 23 -6.09 1.52 -13.70
N LYS A 24 -6.49 2.45 -12.85
CA LYS A 24 -5.73 3.67 -12.66
C LYS A 24 -4.42 3.38 -11.93
N PHE A 25 -3.31 3.82 -12.54
CA PHE A 25 -1.96 3.67 -12.00
C PHE A 25 -1.95 4.32 -10.62
N PHE A 26 -1.31 3.67 -9.66
CA PHE A 26 -1.38 4.05 -8.24
C PHE A 26 0.01 4.06 -7.63
N VAL A 27 0.40 5.18 -7.03
CA VAL A 27 1.67 5.29 -6.33
C VAL A 27 1.46 5.78 -4.89
N GLY A 28 1.89 4.95 -3.95
CA GLY A 28 1.81 5.24 -2.55
C GLY A 28 3.20 5.48 -1.99
N GLY A 29 3.29 6.44 -1.05
CA GLY A 29 4.51 6.72 -0.33
C GLY A 29 4.32 6.41 1.13
N ASN A 30 5.06 5.42 1.63
CA ASN A 30 5.03 5.04 3.04
C ASN A 30 6.23 5.64 3.71
N TRP A 31 6.00 6.69 4.51
CA TRP A 31 7.11 7.40 5.16
C TRP A 31 7.67 6.62 6.36
N LYS A 32 6.93 5.61 6.82
CA LYS A 32 7.27 4.84 8.00
C LYS A 32 7.55 5.77 9.17
N MET A 33 8.50 5.42 10.03
CA MET A 33 8.78 6.20 11.22
C MET A 33 9.87 7.20 10.92
N ASN A 34 9.55 8.15 10.04
CA ASN A 34 10.48 9.18 9.60
C ASN A 34 9.74 10.46 9.45
N GLY A 35 10.36 11.54 9.95
CA GLY A 35 9.84 12.87 9.76
C GLY A 35 9.90 13.73 10.99
N SER A 36 10.08 15.03 10.75
CA SER A 36 9.90 16.09 11.73
C SER A 36 9.05 17.15 11.06
N LYS A 37 8.57 18.10 11.84
CA LYS A 37 7.81 19.23 11.28
C LYS A 37 8.58 19.84 10.10
N ALA A 38 9.88 20.06 10.31
CA ALA A 38 10.72 20.75 9.34
C ALA A 38 10.95 19.89 8.09
N SER A 39 11.27 18.61 8.30
CA SER A 39 11.60 17.74 7.16
C SER A 39 10.33 17.46 6.34
N ILE A 40 9.19 17.34 7.03
CA ILE A 40 7.91 17.10 6.36
C ILE A 40 7.48 18.35 5.60
N LYS A 41 7.69 19.49 6.21
CA LYS A 41 7.34 20.74 5.49
C LYS A 41 8.10 20.80 4.16
N SER A 42 9.39 20.48 4.19
N SER A 42 9.39 20.48 4.19
CA SER A 42 10.21 20.50 2.95
CA SER A 42 10.22 20.48 2.99
C SER A 42 9.70 19.45 1.96
C SER A 42 9.83 19.43 1.96
N LEU A 43 9.47 18.23 2.44
CA LEU A 43 8.99 17.15 1.57
C LEU A 43 7.69 17.58 0.89
N VAL A 44 6.75 18.11 1.67
CA VAL A 44 5.46 18.54 1.14
C VAL A 44 5.59 19.73 0.16
N GLU A 45 6.50 20.67 0.45
N GLU A 45 6.52 20.65 0.45
CA GLU A 45 6.78 21.79 -0.46
CA GLU A 45 6.76 21.78 -0.48
C GLU A 45 7.31 21.30 -1.82
C GLU A 45 7.25 21.23 -1.83
N THR A 46 8.18 20.29 -1.80
CA THR A 46 8.69 19.68 -3.01
C THR A 46 7.54 19.06 -3.81
N LEU A 47 6.69 18.26 -3.14
CA LEU A 47 5.53 17.67 -3.81
C LEU A 47 4.61 18.75 -4.38
N ASN A 48 4.40 19.81 -3.59
CA ASN A 48 3.48 20.88 -3.99
C ASN A 48 3.94 21.65 -5.22
N ALA A 49 5.24 21.63 -5.51
CA ALA A 49 5.82 22.33 -6.66
C ALA A 49 6.09 21.43 -7.85
N SER A 50 5.72 20.15 -7.75
CA SER A 50 6.09 19.19 -8.77
C SER A 50 5.04 18.99 -9.83
N LYS A 51 5.49 18.68 -11.05
CA LYS A 51 4.61 18.35 -12.15
C LYS A 51 4.36 16.85 -12.15
N LEU A 52 3.13 16.46 -11.82
CA LEU A 52 2.74 15.07 -11.68
C LEU A 52 1.85 14.64 -12.85
N ASP A 53 2.05 13.42 -13.32
CA ASP A 53 1.16 12.80 -14.28
C ASP A 53 -0.24 12.76 -13.70
N ASN A 54 -1.19 13.41 -14.37
CA ASN A 54 -2.53 13.47 -13.83
C ASN A 54 -3.29 12.14 -13.91
N LYS A 55 -2.71 11.14 -14.58
CA LYS A 55 -3.29 9.79 -14.62
C LYS A 55 -2.84 8.90 -13.45
N THR A 56 -1.99 9.42 -12.57
CA THR A 56 -1.56 8.66 -11.39
C THR A 56 -2.34 9.08 -10.17
N GLU A 57 -2.90 8.08 -9.47
CA GLU A 57 -3.48 8.24 -8.14
C GLU A 57 -2.34 8.16 -7.12
N VAL A 58 -2.18 9.21 -6.30
CA VAL A 58 -1.05 9.32 -5.39
C VAL A 58 -1.56 9.43 -3.97
N VAL A 59 -0.94 8.64 -3.09
CA VAL A 59 -1.24 8.64 -1.67
C VAL A 59 0.06 8.68 -0.90
N VAL A 60 0.10 9.48 0.18
CA VAL A 60 1.26 9.51 1.07
C VAL A 60 0.83 9.23 2.51
N ALA A 61 1.68 8.50 3.24
CA ALA A 61 1.39 8.02 4.57
C ALA A 61 2.38 8.52 5.62
N PRO A 62 2.10 9.69 6.24
CA PRO A 62 2.94 10.20 7.31
C PRO A 62 2.74 9.44 8.61
N PRO A 63 3.66 9.61 9.59
CA PRO A 63 3.40 9.15 10.96
C PRO A 63 2.15 9.83 11.52
N ALA A 64 1.44 9.15 12.41
CA ALA A 64 0.10 9.53 12.81
C ALA A 64 0.03 10.96 13.34
N ILE A 65 1.03 11.37 14.11
CA ILE A 65 1.01 12.69 14.73
C ILE A 65 1.17 13.84 13.75
N TYR A 66 1.66 13.55 12.53
CA TYR A 66 1.86 14.55 11.45
C TYR A 66 0.71 14.50 10.43
N LEU A 67 -0.29 13.64 10.64
CA LEU A 67 -1.43 13.59 9.73
C LEU A 67 -2.11 14.95 9.60
N PRO A 68 -2.44 15.66 10.71
CA PRO A 68 -3.04 17.00 10.59
C PRO A 68 -2.19 17.98 9.77
N GLN A 69 -0.89 18.08 10.06
CA GLN A 69 0.02 19.00 9.38
C GLN A 69 -0.01 18.73 7.86
N VAL A 70 0.13 17.45 7.49
CA VAL A 70 0.21 17.08 6.08
C VAL A 70 -1.13 17.31 5.37
N ARG A 71 -2.22 16.88 5.99
CA ARG A 71 -3.58 17.00 5.39
C ARG A 71 -3.87 18.49 5.10
N GLN A 72 -3.43 19.39 6.00
N GLN A 72 -3.42 19.40 5.98
CA GLN A 72 -3.61 20.84 5.83
CA GLN A 72 -3.64 20.84 5.82
C GLN A 72 -2.80 21.35 4.65
C GLN A 72 -2.75 21.50 4.77
N ALA A 73 -1.51 21.02 4.63
CA ALA A 73 -0.51 21.67 3.77
C ALA A 73 -0.39 21.08 2.37
N LEU A 74 -0.75 19.82 2.27
CA LEU A 74 -0.51 19.13 0.98
C LEU A 74 -1.57 19.39 -0.10
N ARG A 75 -1.08 19.56 -1.31
CA ARG A 75 -1.96 19.65 -2.51
C ARG A 75 -3.07 18.60 -2.45
N LYS A 76 -4.30 19.00 -2.78
CA LYS A 76 -5.44 18.10 -2.54
C LYS A 76 -5.58 16.97 -3.55
N ASP A 77 -4.81 17.01 -4.62
CA ASP A 77 -4.79 15.90 -5.58
C ASP A 77 -3.89 14.74 -5.17
N ILE A 78 -3.20 14.89 -4.03
CA ILE A 78 -2.53 13.77 -3.37
C ILE A 78 -3.31 13.53 -2.08
N GLN A 79 -3.73 12.28 -1.86
N GLN A 79 -3.74 12.28 -1.85
CA GLN A 79 -4.51 11.89 -0.70
CA GLN A 79 -4.51 11.95 -0.67
C GLN A 79 -3.58 11.40 0.41
C GLN A 79 -3.60 11.35 0.41
N VAL A 80 -4.08 11.41 1.65
CA VAL A 80 -3.28 11.02 2.82
C VAL A 80 -3.76 9.70 3.41
N ALA A 81 -2.81 8.89 3.89
CA ALA A 81 -3.05 7.62 4.54
C ALA A 81 -2.43 7.57 5.92
N ALA A 82 -3.10 6.87 6.84
CA ALA A 82 -2.48 6.42 8.07
C ALA A 82 -1.70 5.14 7.78
N GLN A 83 -0.75 4.84 8.66
CA GLN A 83 0.10 3.66 8.50
C GLN A 83 -0.43 2.42 9.21
N ASN A 84 -1.51 2.58 10.00
CA ASN A 84 -2.14 1.49 10.72
C ASN A 84 -3.40 2.01 11.37
N CYS A 85 -4.30 1.10 11.75
CA CYS A 85 -5.44 1.43 12.59
C CYS A 85 -5.90 0.15 13.25
N TYR A 86 -6.90 0.25 14.13
CA TYR A 86 -7.44 -0.88 14.93
C TYR A 86 -8.80 -1.33 14.37
N THR A 87 -9.48 -2.23 15.08
CA THR A 87 -10.61 -3.02 14.60
C THR A 87 -11.93 -2.69 15.28
N LYS A 88 -11.92 -1.66 16.12
CA LYS A 88 -13.08 -1.23 16.89
C LYS A 88 -13.28 0.27 16.75
N ALA A 89 -14.52 0.74 16.98
CA ALA A 89 -14.87 2.15 16.90
C ALA A 89 -14.15 3.00 17.93
N SER A 90 -14.07 2.46 19.14
CA SER A 90 -13.60 3.19 20.31
C SER A 90 -13.42 2.21 21.43
N GLY A 91 -12.76 2.65 22.49
CA GLY A 91 -12.68 1.87 23.71
C GLY A 91 -11.30 1.84 24.31
N ALA A 92 -11.09 0.83 25.14
CA ALA A 92 -9.97 0.75 26.07
C ALA A 92 -8.82 0.07 25.37
N PHE A 93 -8.23 0.81 24.42
CA PHE A 93 -7.12 0.32 23.60
C PHE A 93 -6.06 1.40 23.53
N THR A 94 -5.41 1.61 24.67
CA THR A 94 -4.38 2.63 24.80
C THR A 94 -3.37 2.49 23.68
N GLY A 95 -3.10 3.59 22.98
CA GLY A 95 -2.16 3.59 21.86
C GLY A 95 -2.68 3.24 20.50
N GLU A 96 -3.96 2.91 20.39
CA GLU A 96 -4.58 2.57 19.10
C GLU A 96 -5.50 3.68 18.56
N ILE A 97 -5.67 3.70 17.24
CA ILE A 97 -6.51 4.66 16.53
C ILE A 97 -7.58 3.89 15.77
N SER A 98 -8.81 4.37 15.81
CA SER A 98 -9.90 3.75 15.06
C SER A 98 -10.05 4.33 13.67
N PRO A 99 -10.59 3.55 12.71
CA PRO A 99 -10.94 4.12 11.41
C PRO A 99 -11.90 5.31 11.49
N GLU A 100 -12.82 5.30 12.47
CA GLU A 100 -13.71 6.45 12.69
C GLU A 100 -12.93 7.74 12.93
N MET A 101 -11.85 7.65 13.71
CA MET A 101 -11.03 8.81 13.98
C MET A 101 -10.34 9.32 12.71
N LEU A 102 -9.86 8.40 11.89
CA LEU A 102 -9.25 8.77 10.63
C LEU A 102 -10.24 9.48 9.72
N LYS A 103 -11.44 8.95 9.59
CA LYS A 103 -12.47 9.64 8.75
C LYS A 103 -12.80 11.01 9.36
N ASP A 104 -12.91 11.06 10.68
CA ASP A 104 -13.19 12.32 11.36
C ASP A 104 -12.19 13.44 10.99
N LEU A 105 -10.90 13.08 10.88
CA LEU A 105 -9.85 14.02 10.53
C LEU A 105 -9.63 14.21 9.02
N GLY A 106 -10.40 13.48 8.21
CA GLY A 106 -10.35 13.62 6.76
C GLY A 106 -9.21 12.87 6.13
N ILE A 107 -8.86 11.72 6.74
CA ILE A 107 -7.80 10.84 6.24
C ILE A 107 -8.44 9.67 5.52
N PRO A 108 -8.43 9.65 4.17
CA PRO A 108 -9.24 8.69 3.41
C PRO A 108 -8.67 7.28 3.29
N TRP A 109 -7.36 7.10 3.50
CA TRP A 109 -6.67 5.84 3.27
C TRP A 109 -6.00 5.32 4.53
N VAL A 110 -5.76 4.01 4.54
CA VAL A 110 -4.95 3.35 5.56
C VAL A 110 -4.17 2.20 4.94
N ILE A 111 -2.90 2.08 5.35
CA ILE A 111 -2.06 0.93 5.01
C ILE A 111 -2.27 -0.11 6.10
N LEU A 112 -2.61 -1.34 5.70
CA LEU A 112 -2.84 -2.44 6.63
C LEU A 112 -2.04 -3.68 6.25
N GLY A 113 -1.57 -4.40 7.26
CA GLY A 113 -0.80 -5.62 7.06
C GLY A 113 0.60 -5.41 6.54
N HIS A 114 1.17 -4.22 6.72
CA HIS A 114 2.53 -4.02 6.29
C HIS A 114 3.47 -5.06 6.90
N SER A 115 4.49 -5.46 6.12
CA SER A 115 5.45 -6.47 6.52
C SER A 115 5.98 -6.24 7.93
N GLU A 116 6.32 -5.00 8.27
CA GLU A 116 6.88 -4.68 9.59
C GLU A 116 5.84 -4.98 10.68
N ARG A 117 4.56 -4.74 10.41
CA ARG A 117 3.50 -4.99 11.42
C ARG A 117 3.24 -6.50 11.54
N ARG A 118 3.29 -7.24 10.44
CA ARG A 118 3.09 -8.71 10.48
C ARG A 118 4.28 -9.37 11.19
N HIS A 119 5.49 -8.91 10.90
CA HIS A 119 6.70 -9.67 11.25
C HIS A 119 7.37 -9.17 12.52
N ILE A 120 7.36 -7.86 12.78
CA ILE A 120 7.92 -7.28 14.00
C ILE A 120 6.86 -7.18 15.11
N PHE A 121 5.64 -6.77 14.74
CA PHE A 121 4.59 -6.51 15.72
C PHE A 121 3.56 -7.64 15.81
N GLY A 122 3.83 -8.74 15.11
CA GLY A 122 3.09 -9.98 15.23
C GLY A 122 1.64 -9.98 14.80
N GLU A 123 1.28 -9.12 13.84
CA GLU A 123 -0.09 -9.09 13.35
C GLU A 123 -0.38 -10.32 12.47
N SER A 124 -1.34 -11.14 12.92
CA SER A 124 -1.71 -12.35 12.19
C SER A 124 -2.47 -12.05 10.90
N ASP A 125 -2.56 -13.05 10.02
CA ASP A 125 -3.37 -12.93 8.81
C ASP A 125 -4.82 -12.51 9.12
N GLU A 126 -5.39 -13.13 10.17
CA GLU A 126 -6.77 -12.85 10.57
C GLU A 126 -6.94 -11.46 11.18
N PHE A 127 -5.96 -11.01 11.96
CA PHE A 127 -6.03 -9.69 12.58
C PHE A 127 -5.98 -8.63 11.49
N VAL A 128 -5.07 -8.82 10.54
CA VAL A 128 -5.01 -7.93 9.37
C VAL A 128 -6.35 -7.89 8.65
N ALA A 129 -6.92 -9.07 8.39
CA ALA A 129 -8.21 -9.19 7.70
C ALA A 129 -9.34 -8.46 8.45
N GLU A 130 -9.37 -8.59 9.78
CA GLU A 130 -10.34 -7.86 10.60
C GLU A 130 -10.20 -6.35 10.45
N LYS A 131 -8.95 -5.86 10.45
CA LYS A 131 -8.70 -4.43 10.25
C LYS A 131 -9.19 -3.96 8.89
N VAL A 132 -8.91 -4.77 7.84
CA VAL A 132 -9.32 -4.40 6.49
C VAL A 132 -10.84 -4.25 6.43
N LYS A 133 -11.56 -5.24 6.98
CA LYS A 133 -13.02 -5.19 6.95
C LYS A 133 -13.54 -4.00 7.70
N TYR A 134 -13.03 -3.79 8.91
CA TYR A 134 -13.55 -2.70 9.78
C TYR A 134 -13.24 -1.34 9.13
N ALA A 135 -12.04 -1.17 8.56
CA ALA A 135 -11.70 0.08 7.90
C ALA A 135 -12.62 0.35 6.71
N LEU A 136 -12.84 -0.69 5.90
CA LEU A 136 -13.70 -0.48 4.71
C LEU A 136 -15.13 -0.12 5.15
N ASP A 137 -15.64 -0.83 6.15
CA ASP A 137 -17.00 -0.57 6.65
C ASP A 137 -17.16 0.82 7.21
N GLN A 138 -16.06 1.42 7.67
CA GLN A 138 -16.08 2.77 8.21
C GLN A 138 -15.70 3.84 7.18
N GLY A 139 -15.65 3.45 5.90
CA GLY A 139 -15.52 4.33 4.76
C GLY A 139 -14.10 4.69 4.35
N LEU A 140 -13.11 3.93 4.84
CA LEU A 140 -11.73 4.15 4.43
C LEU A 140 -11.44 3.30 3.21
N LYS A 141 -10.42 3.74 2.46
CA LYS A 141 -9.82 2.97 1.40
C LYS A 141 -8.54 2.34 1.97
N VAL A 142 -8.23 1.11 1.55
CA VAL A 142 -7.19 0.31 2.16
C VAL A 142 -6.14 -0.12 1.16
N ILE A 143 -4.87 0.12 1.52
CA ILE A 143 -3.74 -0.53 0.88
C ILE A 143 -3.43 -1.76 1.75
N ALA A 144 -3.78 -2.95 1.24
CA ALA A 144 -3.62 -4.21 1.95
C ALA A 144 -2.33 -4.87 1.46
N CYS A 145 -1.38 -5.04 2.39
CA CYS A 145 -0.04 -5.53 2.06
C CYS A 145 0.07 -7.04 2.30
N ILE A 146 0.72 -7.71 1.35
CA ILE A 146 1.01 -9.14 1.39
C ILE A 146 2.45 -9.35 0.90
N GLY A 147 2.98 -10.53 1.15
CA GLY A 147 4.31 -10.85 0.63
C GLY A 147 5.03 -11.89 1.45
N GLU A 148 6.02 -12.52 0.82
CA GLU A 148 6.73 -13.66 1.34
C GLU A 148 8.12 -13.31 1.89
N THR A 149 8.60 -14.15 2.80
CA THR A 149 9.95 -14.02 3.33
C THR A 149 10.97 -14.60 2.37
N LEU A 150 12.25 -14.30 2.62
CA LEU A 150 13.34 -14.87 1.86
C LEU A 150 13.24 -16.41 1.82
N GLU A 151 13.01 -17.03 3.00
N GLU A 151 12.98 -17.04 2.98
CA GLU A 151 12.87 -18.49 3.12
CA GLU A 151 12.91 -18.49 3.05
C GLU A 151 11.78 -19.03 2.19
C GLU A 151 11.76 -19.07 2.21
N GLU A 152 10.60 -18.40 2.27
CA GLU A 152 9.45 -18.82 1.48
C GLU A 152 9.73 -18.71 -0.02
N ARG A 153 10.42 -17.63 -0.41
CA ARG A 153 10.86 -17.40 -1.81
C ARG A 153 11.78 -18.55 -2.23
N GLU A 154 12.79 -18.83 -1.40
CA GLU A 154 13.76 -19.89 -1.70
C GLU A 154 13.09 -21.26 -1.84
N ALA A 155 12.02 -21.51 -1.06
CA ALA A 155 11.28 -22.76 -1.12
C ALA A 155 10.35 -22.86 -2.33
N GLY A 156 10.18 -21.74 -3.06
CA GLY A 156 9.25 -21.67 -4.15
C GLY A 156 7.80 -21.58 -3.72
N LYS A 157 7.57 -20.99 -2.55
CA LYS A 157 6.25 -20.93 -1.96
C LYS A 157 5.66 -19.52 -1.89
N THR A 158 6.17 -18.62 -2.73
CA THR A 158 5.71 -17.23 -2.75
C THR A 158 4.20 -17.14 -2.88
N MET A 159 3.62 -17.81 -3.87
N MET A 159 3.62 -17.79 -3.89
CA MET A 159 2.19 -17.66 -4.13
CA MET A 159 2.16 -17.59 -4.11
C MET A 159 1.34 -18.35 -3.10
C MET A 159 1.34 -18.35 -3.06
N GLU A 160 1.90 -19.42 -2.50
N GLU A 160 1.88 -19.44 -2.51
CA GLU A 160 1.15 -20.12 -1.42
CA GLU A 160 1.15 -20.14 -1.41
C GLU A 160 0.98 -19.16 -0.24
C GLU A 160 0.98 -19.15 -0.25
N VAL A 161 2.05 -18.43 0.07
CA VAL A 161 1.98 -17.43 1.15
C VAL A 161 1.01 -16.30 0.82
N CYS A 162 1.17 -15.72 -0.37
CA CYS A 162 0.28 -14.64 -0.81
C CYS A 162 -1.19 -15.11 -0.80
N ALA A 163 -1.44 -16.34 -1.24
CA ALA A 163 -2.78 -16.91 -1.27
C ALA A 163 -3.37 -17.02 0.13
N ARG A 164 -2.57 -17.47 1.08
CA ARG A 164 -2.98 -17.59 2.50
C ARG A 164 -3.35 -16.21 3.03
N GLN A 165 -2.52 -15.21 2.75
CA GLN A 165 -2.76 -13.87 3.28
C GLN A 165 -4.01 -13.25 2.68
N LEU A 166 -4.20 -13.47 1.37
CA LEU A 166 -5.37 -13.00 0.65
C LEU A 166 -6.66 -13.71 1.07
N LYS A 167 -6.55 -15.02 1.29
N LYS A 167 -6.52 -15.01 1.30
CA LYS A 167 -7.71 -15.82 1.66
CA LYS A 167 -7.71 -15.81 1.67
C LYS A 167 -8.28 -15.36 3.00
C LYS A 167 -8.28 -15.29 3.00
N ALA A 168 -7.40 -14.95 3.92
CA ALA A 168 -7.83 -14.45 5.21
C ALA A 168 -8.64 -13.15 5.05
N ILE A 169 -8.19 -12.28 4.15
CA ILE A 169 -8.90 -11.04 3.85
C ILE A 169 -10.25 -11.35 3.17
N ALA A 170 -10.24 -12.27 2.19
CA ALA A 170 -11.45 -12.63 1.47
C ALA A 170 -12.48 -13.28 2.40
N LYS A 171 -12.04 -13.93 3.49
CA LYS A 171 -12.94 -14.56 4.46
C LYS A 171 -13.75 -13.49 5.21
N LYS A 172 -13.19 -12.28 5.36
CA LYS A 172 -13.80 -11.23 6.14
C LYS A 172 -14.49 -10.15 5.33
N ILE A 173 -14.13 -9.98 4.06
CA ILE A 173 -14.72 -8.94 3.24
C ILE A 173 -15.51 -9.50 2.07
N SER A 174 -16.49 -8.72 1.60
CA SER A 174 -17.34 -9.11 0.49
C SER A 174 -16.70 -8.80 -0.86
N GLU A 175 -17.28 -9.35 -1.92
CA GLU A 175 -16.86 -9.03 -3.27
C GLU A 175 -16.87 -7.53 -3.50
N SER A 176 -17.98 -6.87 -3.15
CA SER A 176 -18.10 -5.43 -3.36
C SER A 176 -17.10 -4.63 -2.51
N ASP A 177 -16.72 -5.16 -1.35
CA ASP A 177 -15.76 -4.49 -0.46
C ASP A 177 -14.42 -4.26 -1.17
N TRP A 178 -14.03 -5.17 -2.08
CA TRP A 178 -12.76 -5.05 -2.80
C TRP A 178 -12.60 -3.78 -3.64
N SER A 179 -13.70 -3.09 -3.97
N SER A 179 -13.72 -3.13 -3.99
CA SER A 179 -13.63 -1.92 -4.83
CA SER A 179 -13.70 -1.90 -4.79
C SER A 179 -12.75 -0.80 -4.25
C SER A 179 -12.68 -0.90 -4.24
N ASN A 180 -12.65 -0.73 -2.92
CA ASN A 180 -11.80 0.24 -2.24
C ASN A 180 -10.54 -0.35 -1.62
N VAL A 181 -10.07 -1.47 -2.18
CA VAL A 181 -8.81 -2.11 -1.78
C VAL A 181 -7.81 -2.01 -2.93
N VAL A 182 -6.58 -1.64 -2.60
CA VAL A 182 -5.41 -1.80 -3.45
C VAL A 182 -4.54 -2.84 -2.76
N ILE A 183 -4.06 -3.85 -3.50
CA ILE A 183 -3.19 -4.87 -2.95
C ILE A 183 -1.75 -4.42 -3.20
N ALA A 184 -0.93 -4.38 -2.13
CA ALA A 184 0.49 -4.15 -2.24
C ALA A 184 1.25 -5.43 -2.01
N TYR A 185 1.86 -5.94 -3.08
CA TYR A 185 2.80 -7.09 -3.04
C TYR A 185 4.21 -6.57 -2.73
N GLU A 186 4.73 -6.91 -1.56
CA GLU A 186 6.07 -6.45 -1.13
C GLU A 186 6.82 -7.66 -0.59
N PRO A 187 7.75 -8.23 -1.38
CA PRO A 187 8.56 -9.33 -0.89
C PRO A 187 9.36 -8.80 0.30
N VAL A 188 9.36 -9.54 1.41
CA VAL A 188 10.00 -9.04 2.62
C VAL A 188 11.51 -8.79 2.38
N TRP A 189 12.11 -9.66 1.57
CA TRP A 189 13.54 -9.60 1.23
C TRP A 189 13.91 -8.39 0.35
N ALA A 190 12.89 -7.68 -0.16
CA ALA A 190 13.10 -6.49 -0.99
C ALA A 190 12.90 -5.19 -0.22
N ILE A 191 12.38 -5.28 1.01
CA ILE A 191 12.03 -4.08 1.76
C ILE A 191 13.26 -3.50 2.45
N GLY A 192 13.72 -2.35 1.95
CA GLY A 192 14.83 -1.61 2.53
C GLY A 192 16.22 -2.22 2.39
N THR A 193 16.34 -3.26 1.55
CA THR A 193 17.55 -4.06 1.42
C THR A 193 18.36 -3.70 0.21
N GLY A 194 17.80 -2.83 -0.65
CA GLY A 194 18.38 -2.49 -1.93
C GLY A 194 18.35 -3.60 -2.96
N LYS A 195 17.52 -4.58 -2.70
CA LYS A 195 17.34 -5.71 -3.65
C LYS A 195 15.90 -5.68 -4.16
N VAL A 196 15.71 -5.11 -5.33
CA VAL A 196 14.39 -5.05 -5.94
C VAL A 196 14.09 -6.37 -6.63
N ALA A 197 12.80 -6.73 -6.65
CA ALA A 197 12.32 -7.81 -7.53
C ALA A 197 12.58 -7.39 -8.97
N THR A 198 13.00 -8.37 -9.79
CA THR A 198 13.14 -8.10 -11.20
C THR A 198 11.76 -7.93 -11.83
N PRO A 199 11.65 -7.36 -13.05
CA PRO A 199 10.35 -7.27 -13.72
C PRO A 199 9.70 -8.64 -13.88
N GLU A 200 10.50 -9.68 -14.14
CA GLU A 200 9.97 -11.03 -14.27
C GLU A 200 9.38 -11.52 -12.97
N GLN A 201 10.12 -11.34 -11.87
CA GLN A 201 9.69 -11.82 -10.57
C GLN A 201 8.39 -11.15 -10.15
N ALA A 202 8.32 -9.83 -10.32
CA ALA A 202 7.17 -9.05 -9.89
C ALA A 202 5.97 -9.39 -10.74
N GLN A 203 6.15 -9.37 -12.07
CA GLN A 203 5.06 -9.68 -13.00
C GLN A 203 4.46 -11.05 -12.71
N GLU A 204 5.30 -12.08 -12.47
CA GLU A 204 4.76 -13.43 -12.21
C GLU A 204 3.86 -13.48 -10.99
N VAL A 205 4.28 -12.80 -9.91
CA VAL A 205 3.49 -12.74 -8.69
C VAL A 205 2.20 -11.96 -8.93
N HIS A 206 2.31 -10.82 -9.59
CA HIS A 206 1.11 -10.00 -9.82
C HIS A 206 0.08 -10.75 -10.66
N ALA A 207 0.54 -11.45 -11.71
CA ALA A 207 -0.36 -12.22 -12.54
C ALA A 207 -1.02 -13.34 -11.73
N ALA A 208 -0.25 -13.98 -10.84
CA ALA A 208 -0.76 -15.05 -9.99
C ALA A 208 -1.76 -14.56 -8.93
N ILE A 209 -1.51 -13.36 -8.36
CA ILE A 209 -2.45 -12.74 -7.44
C ILE A 209 -3.74 -12.46 -8.20
N ARG A 210 -3.63 -11.93 -9.41
CA ARG A 210 -4.83 -11.54 -10.20
C ARG A 210 -5.63 -12.80 -10.53
N LYS A 211 -4.94 -13.89 -10.87
CA LYS A 211 -5.61 -15.16 -11.12
C LYS A 211 -6.29 -15.67 -9.86
N TRP A 212 -5.62 -15.54 -8.72
CA TRP A 212 -6.21 -15.91 -7.42
C TRP A 212 -7.51 -15.14 -7.21
N LEU A 213 -7.50 -13.83 -7.47
CA LEU A 213 -8.70 -13.02 -7.32
C LEU A 213 -9.82 -13.53 -8.23
N ALA A 214 -9.47 -13.86 -9.47
CA ALA A 214 -10.46 -14.31 -10.43
C ALA A 214 -11.14 -15.60 -9.99
N GLU A 215 -10.34 -16.53 -9.44
CA GLU A 215 -10.83 -17.87 -9.08
C GLU A 215 -11.56 -17.90 -7.74
N ASN A 216 -11.16 -16.97 -6.86
CA ASN A 216 -11.65 -17.04 -5.46
C ASN A 216 -12.64 -15.93 -5.10
N VAL A 217 -12.56 -14.80 -5.78
CA VAL A 217 -13.44 -13.68 -5.53
C VAL A 217 -14.37 -13.44 -6.72
N SER A 218 -13.86 -12.88 -7.81
CA SER A 218 -14.61 -12.82 -9.09
C SER A 218 -13.70 -12.31 -10.16
N ALA A 219 -14.06 -12.57 -11.41
CA ALA A 219 -13.36 -12.02 -12.56
C ALA A 219 -13.36 -10.49 -12.55
N GLU A 220 -14.46 -9.90 -12.12
CA GLU A 220 -14.55 -8.43 -12.11
C GLU A 220 -13.58 -7.85 -11.08
N VAL A 221 -13.55 -8.46 -9.89
CA VAL A 221 -12.58 -7.99 -8.87
C VAL A 221 -11.14 -8.14 -9.40
N ALA A 222 -10.85 -9.27 -10.03
CA ALA A 222 -9.54 -9.49 -10.63
C ALA A 222 -9.16 -8.38 -11.64
N GLU A 223 -10.10 -8.02 -12.52
N GLU A 223 -10.11 -7.99 -12.48
CA GLU A 223 -9.82 -7.04 -13.57
CA GLU A 223 -9.79 -7.03 -13.57
C GLU A 223 -9.70 -5.62 -13.04
C GLU A 223 -9.75 -5.59 -13.06
N SER A 224 -10.38 -5.33 -11.91
CA SER A 224 -10.51 -3.98 -11.38
C SER A 224 -9.50 -3.62 -10.32
N THR A 225 -8.98 -4.62 -9.62
CA THR A 225 -8.16 -4.34 -8.44
C THR A 225 -6.73 -3.99 -8.82
N ARG A 226 -6.25 -2.84 -8.34
CA ARG A 226 -4.84 -2.45 -8.50
C ARG A 226 -3.96 -3.37 -7.63
N ILE A 227 -2.92 -3.88 -8.28
CA ILE A 227 -1.91 -4.67 -7.54
C ILE A 227 -0.60 -3.91 -7.75
N ILE A 228 -0.09 -3.37 -6.65
CA ILE A 228 1.08 -2.51 -6.71
C ILE A 228 2.26 -3.26 -6.11
N TYR A 229 3.45 -2.90 -6.61
CA TYR A 229 4.67 -3.55 -6.12
C TYR A 229 5.47 -2.63 -5.19
N GLY A 230 5.99 -3.23 -4.14
CA GLY A 230 6.89 -2.50 -3.28
C GLY A 230 8.09 -3.33 -2.85
N GLY A 231 9.18 -2.64 -2.55
CA GLY A 231 10.41 -3.28 -2.12
C GLY A 231 11.54 -2.74 -2.98
N SER A 232 12.20 -1.70 -2.48
CA SER A 232 13.34 -1.10 -3.13
C SER A 232 13.04 -0.44 -4.49
N VAL A 233 11.81 0.03 -4.68
CA VAL A 233 11.47 0.83 -5.86
C VAL A 233 12.18 2.17 -5.77
N ASN A 234 12.79 2.58 -6.88
CA ASN A 234 13.43 3.88 -6.97
C ASN A 234 13.30 4.45 -8.38
N GLY A 235 13.81 5.68 -8.57
CA GLY A 235 13.76 6.35 -9.85
C GLY A 235 14.32 5.53 -11.00
N GLY A 236 15.39 4.77 -10.72
CA GLY A 236 16.08 3.98 -11.71
C GLY A 236 15.44 2.69 -12.17
N ASN A 237 14.62 2.06 -11.34
CA ASN A 237 13.98 0.79 -11.67
C ASN A 237 12.48 0.83 -11.89
N CYS A 238 11.85 1.98 -11.61
CA CYS A 238 10.41 2.06 -11.69
C CYS A 238 9.85 1.94 -13.12
N ALA A 239 10.57 2.49 -14.11
CA ALA A 239 9.98 2.51 -15.45
C ALA A 239 9.77 1.11 -16.03
N GLU A 240 10.77 0.23 -15.87
CA GLU A 240 10.64 -1.13 -16.41
C GLU A 240 9.59 -1.96 -15.67
N LEU A 241 9.51 -1.79 -14.36
CA LEU A 241 8.46 -2.45 -13.60
C LEU A 241 7.07 -1.98 -14.05
N ALA A 242 6.92 -0.67 -14.28
CA ALA A 242 5.64 -0.09 -14.67
C ALA A 242 5.12 -0.58 -16.02
N LYS A 243 6.04 -1.06 -16.87
CA LYS A 243 5.67 -1.62 -18.16
C LYS A 243 5.05 -3.02 -18.06
N GLN A 244 5.16 -3.68 -16.90
CA GLN A 244 4.63 -5.03 -16.78
C GLN A 244 3.11 -5.01 -16.73
N PRO A 245 2.45 -5.93 -17.45
CA PRO A 245 1.00 -5.85 -17.66
C PRO A 245 0.15 -6.02 -16.40
N ASP A 246 0.67 -6.64 -15.34
CA ASP A 246 -0.13 -6.81 -14.13
C ASP A 246 0.35 -5.99 -12.96
N ILE A 247 1.30 -5.09 -13.21
CA ILE A 247 1.79 -4.15 -12.19
C ILE A 247 1.07 -2.81 -12.39
N ASP A 248 0.31 -2.39 -11.38
CA ASP A 248 -0.52 -1.19 -11.46
C ASP A 248 0.07 0.04 -10.72
N GLY A 249 1.31 -0.08 -10.29
CA GLY A 249 1.96 0.98 -9.54
C GLY A 249 2.79 0.43 -8.42
N PHE A 250 3.08 1.32 -7.49
CA PHE A 250 4.08 0.99 -6.46
C PHE A 250 3.74 1.48 -5.04
N LEU A 251 4.30 0.78 -4.07
CA LEU A 251 4.30 1.25 -2.66
C LEU A 251 5.79 1.51 -2.37
N VAL A 252 6.11 2.76 -2.14
CA VAL A 252 7.47 3.26 -2.03
C VAL A 252 7.79 3.64 -0.59
N GLY A 253 8.88 3.06 -0.05
CA GLY A 253 9.32 3.37 1.28
C GLY A 253 10.37 4.47 1.27
N GLY A 254 11.65 4.06 1.29
CA GLY A 254 12.76 4.98 1.35
C GLY A 254 12.71 6.11 0.34
N ALA A 255 12.39 5.77 -0.91
CA ALA A 255 12.37 6.77 -1.97
C ALA A 255 11.24 7.79 -1.83
N SER A 256 10.24 7.49 -1.00
CA SER A 256 9.11 8.40 -0.80
C SER A 256 9.48 9.63 0.03
N LEU A 257 10.64 9.58 0.69
CA LEU A 257 11.10 10.70 1.49
C LEU A 257 11.90 11.70 0.65
N LYS A 258 12.17 11.35 -0.60
CA LYS A 258 13.10 12.04 -1.48
C LYS A 258 12.39 12.60 -2.71
N PRO A 259 12.99 13.60 -3.39
CA PRO A 259 12.43 14.15 -4.62
C PRO A 259 12.17 13.11 -5.72
N GLU A 260 12.96 12.01 -5.78
CA GLU A 260 12.74 10.97 -6.78
C GLU A 260 11.37 10.30 -6.69
N PHE A 261 10.66 10.49 -5.57
CA PHE A 261 9.25 10.03 -5.49
C PHE A 261 8.44 10.54 -6.67
N VAL A 262 8.72 11.77 -7.12
CA VAL A 262 8.04 12.36 -8.27
C VAL A 262 8.27 11.56 -9.56
N ASP A 263 9.51 11.12 -9.77
CA ASP A 263 9.85 10.27 -10.91
C ASP A 263 9.08 8.94 -10.93
N ILE A 264 8.82 8.39 -9.74
CA ILE A 264 8.06 7.15 -9.60
C ILE A 264 6.58 7.39 -9.89
N ILE A 265 6.01 8.48 -9.36
CA ILE A 265 4.66 8.91 -9.75
C ILE A 265 4.53 8.99 -11.28
N ASN A 266 5.61 9.48 -11.89
CA ASN A 266 5.71 9.65 -13.34
C ASN A 266 6.37 8.49 -14.08
N ALA A 267 6.24 7.27 -13.54
CA ALA A 267 6.99 6.12 -14.07
C ALA A 267 6.56 5.73 -15.47
N ARG A 268 5.33 6.07 -15.85
CA ARG A 268 4.75 5.72 -17.18
C ARG A 268 5.00 6.85 -18.18
N LYS A 269 5.43 8.00 -17.65
CA LYS A 269 5.73 9.19 -18.49
C LYS A 269 7.11 9.02 -19.15
NA NA B . -20.36 -10.91 -8.84
C ACY C . 17.77 5.14 -4.49
O ACY C . 16.75 5.45 -3.88
OXT ACY C . 18.47 4.17 -4.21
CH3 ACY C . 18.25 6.04 -5.61
C ACY D . -7.67 10.16 -7.67
O ACY D . -8.19 10.81 -6.75
OXT ACY D . -6.56 10.43 -8.18
CH3 ACY D . -8.45 8.96 -8.21
C FMT E . 15.75 -13.56 -5.32
O1 FMT E . 16.11 -13.22 -6.43
O2 FMT E . 16.29 -13.15 -4.21
C FMT F . 3.95 -15.90 6.20
O1 FMT F . 5.14 -15.90 6.38
O2 FMT F . 3.13 -16.77 6.70
C FMT G . 1.86 -14.43 7.99
O1 FMT G . 1.31 -14.23 6.93
O2 FMT G . 1.56 -15.38 8.83
C1 PGH H . 7.82 -0.61 1.86
C2 PGH H . 8.96 -0.59 0.90
N2 PGH H . 6.68 -0.10 1.43
O2 PGH H . 5.55 -0.14 2.24
O1 PGH H . 7.96 -1.12 2.97
O1P PGH H . 10.08 0.05 1.49
O2P PGH H . 12.27 1.26 1.39
O3P PGH H . 10.79 1.14 -0.67
O4P PGH H . 11.99 -0.92 0.14
P PGH H . 11.34 0.39 0.52
#